data_6F5F
#
_entry.id   6F5F
#
_cell.length_a   68.150
_cell.length_b   87.150
_cell.length_c   185.270
_cell.angle_alpha   90.00
_cell.angle_beta   90.00
_cell.angle_gamma   90.00
#
_symmetry.space_group_name_H-M   'P 21 21 21'
#
loop_
_entity.id
_entity.type
_entity.pdbx_description
1 polymer 'Poly [ADP-ribose] polymerase 2'
2 polymer "DNA (5'-D(P*CP*GP*GP*TP*CP*GP*CP*CP*TP*AP*TP*AP*GP*GP*C)-3')"
#
loop_
_entity_poly.entity_id
_entity_poly.type
_entity_poly.pdbx_seq_one_letter_code
_entity_poly.pdbx_strand_id
1 'polypeptide(L)'
;SMGKAPVDPECTAKVGKAHVYCEGNDVYDVMLNQTNLQFNNNKYYLIQLLEDDAQRNFSVWMRWGRVGKMGQHSLVACSG
NLNKAKEIFQKKFLDKTKNNWEDREKFEKVPGKYDMLQMDYATNTQDEEET
;
A,B,C,D
2 'polydeoxyribonucleotide' (DC)(DG)(DG)(DT)(DC)(DG)(DC)(DC)(DT)(DA)(DT)(DA)(DG)(DG)(DC) E,F,G,H
#
loop_
_chem_comp.id
_chem_comp.type
_chem_comp.name
_chem_comp.formula
DA DNA linking 2'-DEOXYADENOSINE-5'-MONOPHOSPHATE 'C10 H14 N5 O6 P'
DC DNA linking 2'-DEOXYCYTIDINE-5'-MONOPHOSPHATE 'C9 H14 N3 O7 P'
DG DNA linking 2'-DEOXYGUANOSINE-5'-MONOPHOSPHATE 'C10 H14 N5 O7 P'
DT DNA linking THYMIDINE-5'-MONOPHOSPHATE 'C10 H15 N2 O8 P'
#
# COMPACT_ATOMS: atom_id res chain seq x y z
N ALA A 5 7.67 5.97 -18.31
CA ALA A 5 6.25 5.33 -18.35
C ALA A 5 5.32 5.60 -19.60
N PRO A 6 5.13 4.57 -20.44
CA PRO A 6 4.81 4.85 -21.87
C PRO A 6 3.35 5.10 -22.25
N VAL A 7 3.16 5.87 -23.31
CA VAL A 7 1.82 6.02 -23.92
C VAL A 7 1.48 4.66 -24.49
N ASP A 8 0.24 4.23 -24.30
CA ASP A 8 -0.14 2.89 -24.71
C ASP A 8 -0.16 2.83 -26.24
N PRO A 9 0.65 1.91 -26.83
CA PRO A 9 0.84 1.82 -28.28
C PRO A 9 -0.44 1.86 -29.11
N GLU A 10 -1.49 1.24 -28.61
CA GLU A 10 -2.77 1.20 -29.30
C GLU A 10 -3.41 2.59 -29.44
N CYS A 11 -2.99 3.55 -28.62
CA CYS A 11 -3.44 4.94 -28.78
C CYS A 11 -2.69 5.57 -29.93
N THR A 12 -3.12 5.23 -31.14
CA THR A 12 -2.41 5.63 -32.36
C THR A 12 -2.42 7.15 -32.50
N ALA A 13 -3.58 7.76 -32.22
CA ALA A 13 -3.75 9.18 -32.35
C ALA A 13 -2.79 10.03 -31.51
N LYS A 14 -2.27 9.50 -30.40
CA LYS A 14 -1.41 10.28 -29.48
C LYS A 14 0.00 9.71 -29.19
N VAL A 15 0.29 8.45 -29.51
CA VAL A 15 1.66 7.94 -29.32
C VAL A 15 2.57 8.69 -30.28
N GLY A 16 3.71 9.16 -29.78
CA GLY A 16 4.55 10.13 -30.51
C GLY A 16 4.30 11.57 -30.10
N LYS A 17 3.05 12.01 -30.15
CA LYS A 17 2.65 13.41 -29.86
C LYS A 17 2.44 13.77 -28.37
N ALA A 18 2.59 12.80 -27.46
CA ALA A 18 2.15 12.97 -26.07
C ALA A 18 2.85 12.05 -25.08
N HIS A 19 2.64 12.35 -23.80
CA HIS A 19 3.23 11.58 -22.71
C HIS A 19 2.22 11.43 -21.56
N VAL A 20 2.47 10.43 -20.73
CA VAL A 20 1.62 10.17 -19.58
C VAL A 20 1.84 11.29 -18.57
N TYR A 21 0.76 11.88 -18.08
CA TYR A 21 0.86 12.97 -17.12
C TYR A 21 1.34 12.50 -15.75
N CYS A 22 2.29 13.24 -15.19
CA CYS A 22 2.79 13.05 -13.83
C CYS A 22 2.73 14.33 -13.05
N GLU A 23 2.80 14.19 -11.73
CA GLU A 23 2.50 15.30 -10.82
C GLU A 23 2.91 14.84 -9.44
N GLY A 24 4.07 15.24 -8.96
CA GLY A 24 4.61 14.72 -7.71
C GLY A 24 4.83 13.22 -7.84
N ASN A 25 4.26 12.47 -6.91
CA ASN A 25 4.33 11.00 -6.92
C ASN A 25 3.20 10.36 -7.75
N ASP A 26 2.18 11.13 -8.08
CA ASP A 26 1.09 10.69 -8.93
C ASP A 26 1.58 10.56 -10.39
N VAL A 27 1.31 9.39 -10.97
CA VAL A 27 1.51 9.11 -12.39
C VAL A 27 0.23 8.46 -12.94
N TYR A 28 -0.45 9.15 -13.85
CA TYR A 28 -1.80 8.76 -14.31
C TYR A 28 -1.77 7.74 -15.43
N ASP A 29 -1.41 6.53 -15.03
CA ASP A 29 -1.36 5.36 -15.88
C ASP A 29 -1.60 4.18 -14.98
N VAL A 30 -2.60 3.40 -15.33
CA VAL A 30 -2.98 2.28 -14.49
C VAL A 30 -3.49 1.15 -15.37
N MET A 31 -3.23 -0.07 -14.89
CA MET A 31 -3.68 -1.29 -15.56
C MET A 31 -4.47 -2.08 -14.55
N LEU A 32 -5.69 -2.42 -14.92
CA LEU A 32 -6.56 -3.18 -14.06
C LEU A 32 -6.80 -4.52 -14.67
N ASN A 33 -6.98 -5.48 -13.78
CA ASN A 33 -7.18 -6.86 -14.17
C ASN A 33 -8.27 -7.42 -13.35
N GLN A 34 -9.13 -8.20 -13.98
CA GLN A 34 -10.07 -9.05 -13.27
C GLN A 34 -10.01 -10.40 -13.94
N THR A 35 -9.49 -11.37 -13.19
CA THR A 35 -9.44 -12.77 -13.59
C THR A 35 -10.23 -13.57 -12.59
N ASN A 36 -11.15 -14.36 -13.08
CA ASN A 36 -11.94 -15.24 -12.24
C ASN A 36 -12.34 -16.39 -13.13
N LEU A 37 -11.65 -17.52 -12.96
CA LEU A 37 -11.79 -18.63 -13.86
C LEU A 37 -13.14 -19.31 -13.68
N GLN A 38 -13.70 -19.29 -12.46
CA GLN A 38 -15.03 -19.83 -12.23
C GLN A 38 -16.12 -19.23 -13.12
N PHE A 39 -16.15 -17.92 -13.29
CA PHE A 39 -17.20 -17.25 -14.07
C PHE A 39 -16.72 -16.84 -15.46
N ASN A 40 -15.53 -17.28 -15.85
CA ASN A 40 -14.98 -17.01 -17.16
C ASN A 40 -14.68 -15.51 -17.37
N ASN A 41 -13.88 -14.95 -16.48
CA ASN A 41 -13.43 -13.56 -16.59
C ASN A 41 -11.93 -13.55 -16.79
N ASN A 42 -11.48 -13.04 -17.93
CA ASN A 42 -10.05 -12.79 -18.13
C ASN A 42 -9.88 -11.48 -18.88
N LYS A 43 -10.18 -10.40 -18.16
CA LYS A 43 -10.30 -9.07 -18.76
C LYS A 43 -9.39 -8.04 -18.10
N TYR A 44 -8.89 -7.13 -18.94
CA TYR A 44 -8.18 -5.93 -18.50
C TYR A 44 -9.01 -4.66 -18.67
N TYR A 45 -8.52 -3.63 -18.01
CA TYR A 45 -9.00 -2.27 -18.17
C TYR A 45 -7.85 -1.31 -17.90
N LEU A 46 -7.46 -0.59 -18.93
CA LEU A 46 -6.31 0.29 -18.94
C LEU A 46 -6.83 1.73 -18.94
N ILE A 47 -6.24 2.58 -18.13
CA ILE A 47 -6.58 4.00 -18.12
C ILE A 47 -5.30 4.88 -18.10
N GLN A 48 -5.27 5.92 -18.93
CA GLN A 48 -4.16 6.87 -18.99
C GLN A 48 -4.64 8.31 -19.13
N LEU A 49 -3.96 9.23 -18.45
CA LEU A 49 -4.24 10.64 -18.61
C LEU A 49 -3.07 11.20 -19.38
N LEU A 50 -3.35 11.83 -20.52
CA LEU A 50 -2.31 12.18 -21.48
C LEU A 50 -2.22 13.67 -21.74
N GLU A 51 -1.03 14.22 -21.48
CA GLU A 51 -0.64 15.56 -21.87
C GLU A 51 0.10 15.48 -23.19
N ASP A 52 -0.22 16.38 -24.12
CA ASP A 52 0.50 16.48 -25.39
C ASP A 52 1.87 17.08 -25.16
N ASP A 53 2.83 16.69 -26.00
CA ASP A 53 4.15 17.31 -25.99
C ASP A 53 4.04 18.70 -26.63
N ALA A 54 3.19 18.81 -27.66
CA ALA A 54 2.98 20.08 -28.40
C ALA A 54 2.59 21.30 -27.52
N GLN A 55 1.52 21.17 -26.73
CA GLN A 55 1.09 22.25 -25.82
C GLN A 55 0.53 21.66 -24.52
N ARG A 56 -0.05 22.49 -23.67
CA ARG A 56 -0.77 22.02 -22.49
C ARG A 56 -2.20 21.70 -22.88
N ASN A 57 -2.36 20.53 -23.49
CA ASN A 57 -3.65 19.98 -23.95
C ASN A 57 -3.83 18.52 -23.47
N PHE A 58 -5.01 18.21 -22.96
CA PHE A 58 -5.25 16.97 -22.21
C PHE A 58 -6.29 16.04 -22.79
N SER A 59 -6.20 14.80 -22.34
CA SER A 59 -7.08 13.74 -22.79
C SER A 59 -6.92 12.50 -21.92
N VAL A 60 -8.02 11.78 -21.75
CA VAL A 60 -8.04 10.51 -21.02
C VAL A 60 -8.29 9.36 -21.98
N TRP A 61 -7.49 8.32 -21.84
CA TRP A 61 -7.46 7.18 -22.75
C TRP A 61 -7.80 5.95 -21.93
N MET A 62 -8.76 5.19 -22.42
CA MET A 62 -9.25 4.01 -21.77
C MET A 62 -9.28 2.92 -22.81
N ARG A 63 -8.78 1.74 -22.45
CA ARG A 63 -8.91 0.60 -23.34
C ARG A 63 -9.14 -0.63 -22.48
N TRP A 64 -9.96 -1.55 -22.98
CA TRP A 64 -10.48 -2.64 -22.18
C TRP A 64 -10.88 -3.82 -23.04
N GLY A 65 -10.88 -5.01 -22.45
CA GLY A 65 -11.25 -6.21 -23.18
C GLY A 65 -10.65 -7.45 -22.59
N ARG A 66 -10.78 -8.54 -23.35
CA ARG A 66 -10.21 -9.84 -22.99
C ARG A 66 -8.70 -9.85 -23.19
N VAL A 67 -7.97 -10.40 -22.22
CA VAL A 67 -6.50 -10.45 -22.35
C VAL A 67 -6.19 -11.13 -23.67
N GLY A 68 -5.17 -10.64 -24.36
CA GLY A 68 -4.88 -11.08 -25.71
C GLY A 68 -5.42 -10.04 -26.65
N LYS A 69 -6.73 -10.06 -26.87
CA LYS A 69 -7.33 -9.18 -27.86
C LYS A 69 -7.15 -7.72 -27.50
N MET A 70 -7.18 -6.88 -28.54
CA MET A 70 -6.95 -5.46 -28.43
C MET A 70 -8.18 -4.67 -27.98
N GLY A 71 -9.34 -5.34 -27.91
CA GLY A 71 -10.53 -4.80 -27.27
C GLY A 71 -11.09 -3.54 -27.92
N GLN A 72 -11.85 -2.78 -27.15
CA GLN A 72 -12.34 -1.48 -27.56
C GLN A 72 -11.77 -0.40 -26.66
N HIS A 73 -11.94 0.85 -27.07
CA HIS A 73 -11.29 1.98 -26.38
C HIS A 73 -12.15 3.23 -26.41
N SER A 74 -11.75 4.21 -25.63
CA SER A 74 -12.40 5.51 -25.57
C SER A 74 -11.34 6.57 -25.33
N LEU A 75 -11.25 7.54 -26.25
CA LEU A 75 -10.44 8.70 -26.02
C LEU A 75 -11.39 9.84 -25.70
N VAL A 76 -11.15 10.52 -24.59
CA VAL A 76 -11.94 11.64 -24.15
C VAL A 76 -11.01 12.84 -24.04
N ALA A 77 -11.32 13.91 -24.78
CA ALA A 77 -10.48 15.10 -24.81
C ALA A 77 -11.02 16.14 -23.82
N CYS A 78 -10.10 16.88 -23.20
CA CYS A 78 -10.43 17.82 -22.15
C CYS A 78 -9.82 19.22 -22.35
N SER A 79 -9.39 19.53 -23.58
CA SER A 79 -8.67 20.75 -23.94
C SER A 79 -7.59 21.10 -22.89
N GLY A 80 -7.62 22.31 -22.31
CA GLY A 80 -6.69 22.68 -21.24
C GLY A 80 -7.21 22.42 -19.83
N ASN A 81 -8.26 21.62 -19.68
CA ASN A 81 -8.89 21.42 -18.38
C ASN A 81 -8.37 20.20 -17.65
N LEU A 82 -7.19 20.33 -17.08
CA LEU A 82 -6.58 19.25 -16.31
C LEU A 82 -7.52 18.73 -15.22
N ASN A 83 -8.27 19.61 -14.58
CA ASN A 83 -9.14 19.16 -13.49
C ASN A 83 -10.18 18.16 -13.97
N LYS A 84 -10.76 18.40 -15.15
CA LYS A 84 -11.76 17.51 -15.74
C LYS A 84 -11.18 16.13 -15.99
N ALA A 85 -10.05 16.08 -16.67
CA ALA A 85 -9.39 14.82 -17.00
C ALA A 85 -9.12 14.00 -15.77
N LYS A 86 -8.57 14.66 -14.75
CA LYS A 86 -8.33 14.01 -13.45
C LYS A 86 -9.60 13.43 -12.85
N GLU A 87 -10.72 14.15 -12.94
CA GLU A 87 -12.00 13.63 -12.43
C GLU A 87 -12.41 12.38 -13.20
N ILE A 88 -12.49 12.50 -14.51
CA ILE A 88 -12.87 11.39 -15.38
C ILE A 88 -12.06 10.13 -15.07
N PHE A 89 -10.75 10.33 -14.95
CA PHE A 89 -9.77 9.28 -14.65
C PHE A 89 -10.06 8.65 -13.29
N GLN A 90 -10.10 9.50 -12.28
CA GLN A 90 -10.26 9.06 -10.91
C GLN A 90 -11.60 8.38 -10.74
N LYS A 91 -12.65 8.96 -11.34
CA LYS A 91 -13.98 8.39 -11.26
C LYS A 91 -14.01 7.02 -11.88
N LYS A 92 -13.40 6.85 -13.06
CA LYS A 92 -13.41 5.55 -13.71
C LYS A 92 -12.72 4.54 -12.85
N PHE A 93 -11.53 4.87 -12.37
CA PHE A 93 -10.78 3.97 -11.48
C PHE A 93 -11.67 3.52 -10.34
N LEU A 94 -12.32 4.48 -9.69
CA LEU A 94 -13.26 4.18 -8.63
C LEU A 94 -14.37 3.20 -9.02
N ASP A 95 -15.01 3.42 -10.16
CA ASP A 95 -16.12 2.54 -10.58
C ASP A 95 -15.64 1.11 -10.74
N LYS A 96 -14.42 0.93 -11.19
CA LYS A 96 -13.93 -0.39 -11.54
C LYS A 96 -13.19 -1.09 -10.42
N THR A 97 -12.67 -0.36 -9.44
CA THR A 97 -11.92 -0.96 -8.33
C THR A 97 -12.62 -0.88 -7.00
N LYS A 98 -13.54 0.07 -6.88
CA LYS A 98 -14.12 0.50 -5.62
C LYS A 98 -13.07 0.95 -4.60
N ASN A 99 -11.91 1.39 -5.07
CA ASN A 99 -10.93 2.10 -4.24
C ASN A 99 -10.82 3.49 -4.83
N ASN A 100 -10.47 4.47 -4.01
CA ASN A 100 -10.12 5.81 -4.53
C ASN A 100 -8.70 5.83 -5.08
N TRP A 101 -8.50 6.66 -6.09
CA TRP A 101 -7.16 6.87 -6.65
C TRP A 101 -6.21 7.32 -5.53
N GLU A 102 -6.65 8.28 -4.72
CA GLU A 102 -5.82 8.80 -3.63
C GLU A 102 -5.24 7.76 -2.66
N ASP A 103 -6.02 6.70 -2.39
CA ASP A 103 -5.63 5.69 -1.40
C ASP A 103 -5.03 4.44 -2.03
N ARG A 104 -4.42 4.54 -3.20
CA ARG A 104 -3.91 3.34 -3.89
C ARG A 104 -2.65 2.70 -3.31
N GLU A 105 -1.87 3.40 -2.50
CA GLU A 105 -0.70 2.75 -1.85
C GLU A 105 -1.18 1.61 -0.94
N LYS A 106 -2.33 1.82 -0.32
CA LYS A 106 -2.98 0.83 0.54
C LYS A 106 -4.16 0.16 -0.18
N PHE A 107 -3.94 -0.26 -1.42
CA PHE A 107 -5.01 -0.80 -2.27
C PHE A 107 -5.49 -2.13 -1.72
N GLU A 108 -6.81 -2.32 -1.71
CA GLU A 108 -7.43 -3.59 -1.32
C GLU A 108 -8.52 -3.98 -2.33
N LYS A 109 -8.16 -4.94 -3.18
CA LYS A 109 -9.10 -5.62 -4.10
C LYS A 109 -10.41 -5.92 -3.43
N VAL A 110 -11.50 -5.80 -4.17
CA VAL A 110 -12.83 -6.09 -3.66
C VAL A 110 -13.46 -7.26 -4.45
N PRO A 111 -14.25 -8.15 -3.77
CA PRO A 111 -14.89 -9.21 -4.55
C PRO A 111 -15.84 -8.64 -5.63
N GLY A 112 -15.77 -9.19 -6.84
CA GLY A 112 -16.58 -8.75 -7.96
C GLY A 112 -16.02 -7.61 -8.81
N LYS A 113 -14.93 -7.00 -8.34
CA LYS A 113 -14.32 -5.84 -9.02
C LYS A 113 -12.88 -6.14 -9.47
N TYR A 114 -12.33 -5.19 -10.23
CA TYR A 114 -11.00 -5.30 -10.78
C TYR A 114 -9.95 -5.08 -9.69
N ASP A 115 -8.79 -5.67 -9.96
CA ASP A 115 -7.57 -5.57 -9.17
C ASP A 115 -6.63 -4.70 -9.98
N MET A 116 -5.65 -4.12 -9.28
CA MET A 116 -4.68 -3.21 -9.87
C MET A 116 -3.29 -3.86 -9.94
N LEU A 117 -2.69 -3.90 -11.12
CA LEU A 117 -1.35 -4.46 -11.28
C LEU A 117 -0.38 -3.30 -11.13
N GLN A 118 0.50 -3.44 -10.15
CA GLN A 118 1.43 -2.36 -9.75
C GLN A 118 2.57 -2.25 -10.77
N MET A 119 2.77 -1.05 -11.32
CA MET A 119 3.69 -0.84 -12.46
C MET A 119 5.14 -0.86 -11.94
N ASP A 120 6.10 -1.11 -12.85
CA ASP A 120 7.52 -1.38 -12.51
C ASP A 120 7.95 -1.30 -11.03
N ALA B 5 -10.48 -29.07 -16.89
CA ALA B 5 -11.94 -29.15 -16.60
C ALA B 5 -12.48 -30.53 -16.13
N PRO B 6 -12.03 -31.68 -16.71
CA PRO B 6 -12.93 -32.85 -16.73
C PRO B 6 -12.90 -33.76 -15.51
N VAL B 7 -14.04 -34.38 -15.19
CA VAL B 7 -14.09 -35.43 -14.17
C VAL B 7 -13.30 -36.58 -14.75
N ASP B 8 -12.49 -37.21 -13.93
CA ASP B 8 -11.61 -38.26 -14.43
C ASP B 8 -12.46 -39.48 -14.81
N PRO B 9 -12.36 -39.92 -16.09
CA PRO B 9 -13.20 -40.99 -16.64
C PRO B 9 -13.30 -42.25 -15.78
N GLU B 10 -12.19 -42.61 -15.13
CA GLU B 10 -12.17 -43.77 -14.28
C GLU B 10 -13.05 -43.66 -13.06
N CYS B 11 -13.44 -42.44 -12.67
CA CYS B 11 -14.43 -42.25 -11.61
C CYS B 11 -15.81 -42.57 -12.14
N THR B 12 -16.10 -43.86 -12.21
CA THR B 12 -17.35 -44.36 -12.79
C THR B 12 -18.54 -43.84 -12.00
N ALA B 13 -18.44 -43.86 -10.67
CA ALA B 13 -19.56 -43.47 -9.82
C ALA B 13 -20.04 -42.03 -10.02
N LYS B 14 -19.16 -41.13 -10.49
CA LYS B 14 -19.47 -39.70 -10.60
C LYS B 14 -19.33 -39.04 -11.97
N VAL B 15 -18.67 -39.66 -12.94
CA VAL B 15 -18.61 -39.08 -14.30
C VAL B 15 -20.04 -39.12 -14.87
N GLY B 16 -20.46 -37.98 -15.44
CA GLY B 16 -21.86 -37.76 -15.80
C GLY B 16 -22.63 -36.97 -14.73
N LYS B 17 -22.62 -37.46 -13.48
CA LYS B 17 -23.35 -36.84 -12.36
C LYS B 17 -22.67 -35.64 -11.66
N ALA B 18 -21.46 -35.24 -12.08
CA ALA B 18 -20.66 -34.28 -11.31
C ALA B 18 -19.63 -33.53 -12.14
N HIS B 19 -19.05 -32.50 -11.50
CA HIS B 19 -18.03 -31.66 -12.11
C HIS B 19 -16.94 -31.33 -11.10
N VAL B 20 -15.78 -30.93 -11.63
CA VAL B 20 -14.66 -30.54 -10.79
C VAL B 20 -14.99 -29.21 -10.14
N TYR B 21 -14.81 -29.12 -8.82
CA TYR B 21 -15.13 -27.91 -8.10
C TYR B 21 -14.16 -26.78 -8.40
N CYS B 22 -14.71 -25.59 -8.67
CA CYS B 22 -13.94 -24.36 -8.83
C CYS B 22 -14.50 -23.28 -7.93
N GLU B 23 -13.67 -22.30 -7.68
CA GLU B 23 -13.98 -21.22 -6.76
C GLU B 23 -12.96 -20.12 -7.02
N GLY B 24 -13.38 -19.10 -7.76
CA GLY B 24 -12.45 -18.11 -8.26
C GLY B 24 -11.43 -18.80 -9.15
N ASN B 25 -10.15 -18.56 -8.85
CA ASN B 25 -9.03 -19.16 -9.57
C ASN B 25 -8.61 -20.50 -9.00
N ASP B 26 -9.09 -20.87 -7.82
CA ASP B 26 -8.91 -22.24 -7.31
C ASP B 26 -9.74 -23.24 -8.10
N VAL B 27 -9.05 -24.27 -8.63
CA VAL B 27 -9.67 -25.36 -9.36
C VAL B 27 -9.11 -26.68 -8.83
N TYR B 28 -9.95 -27.49 -8.19
CA TYR B 28 -9.51 -28.66 -7.43
C TYR B 28 -9.37 -29.90 -8.29
N ASP B 29 -8.35 -29.86 -9.13
CA ASP B 29 -7.95 -30.97 -9.98
C ASP B 29 -6.46 -30.84 -10.17
N VAL B 30 -5.73 -31.90 -9.86
CA VAL B 30 -4.29 -31.88 -9.98
C VAL B 30 -3.78 -33.25 -10.38
N MET B 31 -2.68 -33.24 -11.13
CA MET B 31 -2.01 -34.45 -11.57
C MET B 31 -0.58 -34.38 -11.13
N LEU B 32 -0.13 -35.41 -10.44
CA LEU B 32 1.21 -35.48 -9.93
C LEU B 32 1.94 -36.61 -10.62
N ASN B 33 3.24 -36.41 -10.77
CA ASN B 33 4.08 -37.37 -11.43
C ASN B 33 5.34 -37.52 -10.64
N GLN B 34 5.81 -38.76 -10.52
CA GLN B 34 7.15 -39.03 -10.04
C GLN B 34 7.74 -40.06 -10.97
N THR B 35 8.78 -39.64 -11.69
CA THR B 35 9.57 -40.52 -12.55
C THR B 35 11.00 -40.55 -12.05
N ASN B 36 11.52 -41.74 -11.86
CA ASN B 36 12.89 -41.92 -11.41
C ASN B 36 13.34 -43.26 -11.95
N LEU B 37 14.13 -43.21 -13.01
CA LEU B 37 14.44 -44.43 -13.77
C LEU B 37 15.40 -45.31 -13.00
N GLN B 38 16.26 -44.73 -12.17
CA GLN B 38 17.16 -45.52 -11.31
C GLN B 38 16.44 -46.50 -10.39
N PHE B 39 15.36 -46.08 -9.72
CA PHE B 39 14.62 -46.99 -8.83
C PHE B 39 13.34 -47.55 -9.44
N ASN B 40 13.16 -47.36 -10.73
CA ASN B 40 12.02 -47.89 -11.46
C ASN B 40 10.68 -47.29 -11.00
N ASN B 41 10.60 -45.98 -11.05
CA ASN B 41 9.38 -45.24 -10.72
C ASN B 41 8.86 -44.55 -11.97
N ASN B 42 7.68 -44.91 -12.42
CA ASN B 42 6.96 -44.13 -13.43
C ASN B 42 5.49 -44.11 -13.03
N LYS B 43 5.23 -43.32 -11.98
CA LYS B 43 3.96 -43.32 -11.31
C LYS B 43 3.28 -41.94 -11.30
N TYR B 44 1.96 -41.97 -11.40
CA TYR B 44 1.12 -40.81 -11.21
C TYR B 44 0.35 -40.84 -9.88
N TYR B 45 -0.17 -39.67 -9.55
CA TYR B 45 -1.12 -39.51 -8.48
C TYR B 45 -2.04 -38.34 -8.81
N LEU B 46 -3.31 -38.68 -8.98
CA LEU B 46 -4.32 -37.76 -9.45
C LEU B 46 -5.25 -37.46 -8.27
N ILE B 47 -5.61 -36.20 -8.09
CA ILE B 47 -6.53 -35.80 -7.04
C ILE B 47 -7.59 -34.81 -7.59
N GLN B 48 -8.86 -35.05 -7.26
CA GLN B 48 -9.97 -34.17 -7.67
C GLN B 48 -10.99 -33.95 -6.58
N LEU B 49 -11.52 -32.75 -6.47
CA LEU B 49 -12.60 -32.46 -5.52
C LEU B 49 -13.83 -32.25 -6.38
N LEU B 50 -14.87 -33.04 -6.11
CA LEU B 50 -16.01 -33.14 -7.00
C LEU B 50 -17.32 -32.71 -6.35
N GLU B 51 -17.96 -31.71 -6.97
CA GLU B 51 -19.32 -31.31 -6.67
C GLU B 51 -20.25 -32.02 -7.64
N ASP B 52 -21.36 -32.56 -7.12
CA ASP B 52 -22.39 -33.18 -7.96
C ASP B 52 -23.15 -32.10 -8.70
N ASP B 53 -23.65 -32.44 -9.89
CA ASP B 53 -24.53 -31.55 -10.64
C ASP B 53 -25.90 -31.57 -9.96
N ALA B 54 -26.31 -32.75 -9.47
CA ALA B 54 -27.60 -32.96 -8.80
C ALA B 54 -27.91 -31.99 -7.63
N GLN B 55 -27.03 -31.91 -6.64
CA GLN B 55 -27.19 -30.96 -5.52
C GLN B 55 -25.83 -30.45 -5.05
N ARG B 56 -25.79 -29.72 -3.94
CA ARG B 56 -24.53 -29.31 -3.32
C ARG B 56 -24.06 -30.44 -2.40
N ASN B 57 -23.45 -31.44 -3.04
CA ASN B 57 -22.90 -32.64 -2.39
C ASN B 57 -21.47 -32.93 -2.90
N PHE B 58 -20.56 -33.23 -1.98
CA PHE B 58 -19.11 -33.25 -2.27
C PHE B 58 -18.43 -34.57 -2.06
N SER B 59 -17.26 -34.68 -2.68
CA SER B 59 -16.46 -35.89 -2.65
C SER B 59 -15.06 -35.62 -3.22
N VAL B 60 -14.07 -36.29 -2.67
CA VAL B 60 -12.69 -36.21 -3.12
C VAL B 60 -12.29 -37.55 -3.74
N TRP B 61 -11.65 -37.45 -4.89
CA TRP B 61 -11.32 -38.58 -5.73
C TRP B 61 -9.83 -38.59 -5.89
N MET B 62 -9.24 -39.75 -5.63
CA MET B 62 -7.82 -39.94 -5.70
C MET B 62 -7.61 -41.19 -6.52
N ARG B 63 -6.69 -41.14 -7.48
CA ARG B 63 -6.30 -42.34 -8.21
C ARG B 63 -4.82 -42.27 -8.47
N TRP B 64 -4.17 -43.42 -8.43
CA TRP B 64 -2.71 -43.49 -8.43
C TRP B 64 -2.22 -44.82 -8.95
N GLY B 65 -0.99 -44.83 -9.47
CA GLY B 65 -0.44 -46.06 -10.05
C GLY B 65 0.61 -45.79 -11.10
N ARG B 66 0.99 -46.85 -11.81
CA ARG B 66 1.96 -46.77 -12.91
C ARG B 66 1.35 -46.14 -14.14
N VAL B 67 2.08 -45.23 -14.78
CA VAL B 67 1.56 -44.56 -15.99
C VAL B 67 1.14 -45.64 -16.95
N GLY B 68 0.01 -45.44 -17.62
CA GLY B 68 -0.56 -46.47 -18.46
C GLY B 68 -1.67 -47.15 -17.68
N LYS B 69 -1.29 -48.04 -16.76
CA LYS B 69 -2.31 -48.81 -16.04
C LYS B 69 -3.22 -47.93 -15.19
N MET B 70 -4.38 -48.48 -14.91
CA MET B 70 -5.49 -47.74 -14.29
C MET B 70 -5.38 -47.68 -12.76
N GLY B 71 -4.44 -48.44 -12.19
CA GLY B 71 -4.08 -48.32 -10.77
C GLY B 71 -5.21 -48.59 -9.79
N GLN B 72 -5.07 -48.07 -8.58
CA GLN B 72 -6.12 -48.12 -7.58
C GLN B 72 -6.57 -46.71 -7.23
N HIS B 73 -7.69 -46.61 -6.52
CA HIS B 73 -8.34 -45.33 -6.27
C HIS B 73 -9.00 -45.29 -4.91
N SER B 74 -9.42 -44.09 -4.52
CA SER B 74 -10.18 -43.86 -3.30
C SER B 74 -11.16 -42.73 -3.53
N LEU B 75 -12.44 -43.00 -3.32
CA LEU B 75 -13.44 -41.98 -3.30
C LEU B 75 -13.82 -41.75 -1.86
N VAL B 76 -13.75 -40.50 -1.43
CA VAL B 76 -14.11 -40.10 -0.08
C VAL B 76 -15.26 -39.10 -0.21
N ALA B 77 -16.40 -39.42 0.41
CA ALA B 77 -17.57 -38.56 0.35
C ALA B 77 -17.64 -37.65 1.58
N CYS B 78 -18.13 -36.44 1.38
CA CYS B 78 -18.11 -35.40 2.42
C CYS B 78 -19.46 -34.70 2.62
N SER B 79 -20.54 -35.33 2.14
CA SER B 79 -21.90 -34.75 2.11
C SER B 79 -21.87 -33.28 1.66
N GLY B 80 -22.44 -32.36 2.44
CA GLY B 80 -22.38 -30.93 2.14
C GLY B 80 -21.23 -30.19 2.80
N ASN B 81 -20.21 -30.91 3.29
CA ASN B 81 -19.12 -30.27 4.02
C ASN B 81 -17.93 -29.93 3.12
N LEU B 82 -18.09 -28.86 2.35
CA LEU B 82 -17.02 -28.41 1.47
C LEU B 82 -15.70 -28.24 2.21
N ASN B 83 -15.73 -27.73 3.45
CA ASN B 83 -14.48 -27.50 4.17
C ASN B 83 -13.69 -28.79 4.37
N LYS B 84 -14.38 -29.87 4.69
CA LYS B 84 -13.74 -31.18 4.89
C LYS B 84 -13.04 -31.65 3.62
N ALA B 85 -13.76 -31.64 2.50
CA ALA B 85 -13.20 -32.09 1.23
C ALA B 85 -11.95 -31.30 0.88
N LYS B 86 -12.02 -29.98 1.03
CA LYS B 86 -10.86 -29.12 0.82
C LYS B 86 -9.68 -29.50 1.71
N GLU B 87 -9.92 -29.84 2.97
CA GLU B 87 -8.84 -30.29 3.86
C GLU B 87 -8.21 -31.57 3.34
N ILE B 88 -9.03 -32.57 3.12
CA ILE B 88 -8.58 -33.88 2.63
C ILE B 88 -7.71 -33.72 1.39
N PHE B 89 -8.20 -32.91 0.46
CA PHE B 89 -7.54 -32.60 -0.80
C PHE B 89 -6.19 -31.94 -0.57
N GLN B 90 -6.24 -30.83 0.16
CA GLN B 90 -5.05 -30.02 0.40
C GLN B 90 -4.01 -30.83 1.15
N LYS B 91 -4.46 -31.58 2.16
CA LYS B 91 -3.57 -32.39 2.96
C LYS B 91 -2.89 -33.44 2.10
N LYS B 92 -3.64 -34.12 1.24
CA LYS B 92 -3.05 -35.15 0.39
C LYS B 92 -2.00 -34.54 -0.49
N PHE B 93 -2.35 -33.45 -1.17
CA PHE B 93 -1.39 -32.77 -2.03
C PHE B 93 -0.09 -32.50 -1.26
N LEU B 94 -0.24 -31.92 -0.08
CA LEU B 94 0.89 -31.69 0.79
C LEU B 94 1.76 -32.93 1.09
N ASP B 95 1.14 -34.03 1.44
CA ASP B 95 1.90 -35.26 1.78
C ASP B 95 2.74 -35.72 0.59
N LYS B 96 2.23 -35.54 -0.61
CA LYS B 96 2.87 -36.09 -1.79
C LYS B 96 3.83 -35.14 -2.50
N THR B 97 3.67 -33.84 -2.28
CA THR B 97 4.55 -32.85 -2.93
C THR B 97 5.47 -32.14 -1.96
N LYS B 98 5.10 -32.12 -0.69
CA LYS B 98 5.67 -31.24 0.31
C LYS B 98 5.62 -29.77 -0.05
N ASN B 99 4.66 -29.39 -0.89
CA ASN B 99 4.30 -27.97 -1.11
C ASN B 99 2.87 -27.82 -0.61
N ASN B 100 2.49 -26.64 -0.18
CA ASN B 100 1.07 -26.35 0.11
C ASN B 100 0.28 -26.09 -1.17
N TRP B 101 -1.00 -26.44 -1.14
CA TRP B 101 -1.90 -26.13 -2.23
C TRP B 101 -1.89 -24.62 -2.49
N GLU B 102 -2.00 -23.83 -1.43
CA GLU B 102 -2.03 -22.36 -1.57
C GLU B 102 -0.87 -21.74 -2.33
N ASP B 103 0.32 -22.33 -2.23
CA ASP B 103 1.55 -21.81 -2.79
C ASP B 103 1.94 -22.51 -4.10
N ARG B 104 0.96 -23.01 -4.88
CA ARG B 104 1.29 -23.70 -6.12
C ARG B 104 1.89 -22.89 -7.28
N GLU B 105 1.64 -21.57 -7.32
CA GLU B 105 2.21 -20.78 -8.42
C GLU B 105 3.73 -20.79 -8.32
N LYS B 106 4.24 -20.84 -7.08
CA LYS B 106 5.66 -20.91 -6.79
C LYS B 106 6.07 -22.36 -6.40
N PHE B 107 5.62 -23.33 -7.19
CA PHE B 107 5.88 -24.74 -6.92
C PHE B 107 7.35 -25.06 -7.07
N GLU B 108 7.90 -25.82 -6.12
CA GLU B 108 9.26 -26.32 -6.18
C GLU B 108 9.30 -27.79 -5.76
N LYS B 109 9.42 -28.66 -6.78
CA LYS B 109 9.69 -30.09 -6.64
C LYS B 109 10.73 -30.34 -5.57
N VAL B 110 10.57 -31.43 -4.82
CA VAL B 110 11.51 -31.82 -3.78
C VAL B 110 12.11 -33.20 -4.11
N PRO B 111 13.41 -33.44 -3.78
CA PRO B 111 13.97 -34.76 -4.09
C PRO B 111 13.20 -35.90 -3.39
N GLY B 112 12.94 -36.96 -4.13
CA GLY B 112 12.08 -38.06 -3.68
C GLY B 112 10.59 -37.89 -4.03
N LYS B 113 10.02 -36.76 -3.68
CA LYS B 113 8.59 -36.51 -3.78
C LYS B 113 8.09 -36.29 -5.18
N TYR B 114 6.77 -36.24 -5.33
CA TYR B 114 6.13 -36.07 -6.63
C TYR B 114 6.29 -34.62 -7.09
N ASP B 115 6.21 -34.49 -8.41
CA ASP B 115 6.22 -33.23 -9.14
C ASP B 115 4.81 -33.03 -9.63
N MET B 116 4.47 -31.77 -9.96
CA MET B 116 3.14 -31.40 -10.43
C MET B 116 3.18 -31.06 -11.92
N LEU B 117 2.34 -31.71 -12.72
CA LEU B 117 2.33 -31.49 -14.16
C LEU B 117 1.28 -30.41 -14.42
N GLN B 118 1.76 -29.30 -14.98
CA GLN B 118 1.08 -27.99 -14.85
C GLN B 118 -0.08 -27.92 -15.85
N MET B 119 -1.29 -27.66 -15.33
CA MET B 119 -2.51 -27.93 -16.08
C MET B 119 -2.75 -26.82 -17.12
N ASP B 120 -3.55 -27.14 -18.13
CA ASP B 120 -3.71 -26.31 -19.34
C ASP B 120 -4.97 -25.47 -19.23
N ALA C 5 -7.45 27.16 -4.94
CA ALA C 5 -7.84 26.34 -3.76
C ALA C 5 -6.97 25.14 -3.41
N PRO C 6 -6.37 24.39 -4.37
CA PRO C 6 -5.71 23.12 -4.01
C PRO C 6 -4.27 23.20 -3.47
N VAL C 7 -3.87 22.22 -2.67
CA VAL C 7 -2.47 22.12 -2.23
C VAL C 7 -1.69 21.79 -3.46
N ASP C 8 -0.53 22.42 -3.64
CA ASP C 8 0.21 22.24 -4.86
C ASP C 8 0.79 20.82 -4.88
N PRO C 9 0.46 20.04 -5.93
CA PRO C 9 0.82 18.61 -6.01
C PRO C 9 2.28 18.29 -5.71
N GLU C 10 3.16 19.19 -6.14
CA GLU C 10 4.59 19.00 -5.92
C GLU C 10 4.97 19.03 -4.44
N CYS C 11 4.12 19.59 -3.59
CA CYS C 11 4.35 19.54 -2.14
C CYS C 11 3.97 18.15 -1.63
N THR C 12 4.86 17.20 -1.87
CA THR C 12 4.56 15.79 -1.59
C THR C 12 4.34 15.58 -0.10
N ALA C 13 5.18 16.21 0.71
CA ALA C 13 5.12 16.04 2.16
C ALA C 13 3.78 16.44 2.80
N LYS C 14 3.02 17.34 2.16
CA LYS C 14 1.76 17.86 2.73
C LYS C 14 0.48 17.67 1.92
N VAL C 15 0.55 17.35 0.62
CA VAL C 15 -0.68 17.09 -0.16
C VAL C 15 -1.31 15.80 0.41
N GLY C 16 -2.62 15.85 0.66
CA GLY C 16 -3.30 14.80 1.44
C GLY C 16 -3.48 15.16 2.90
N LYS C 17 -2.38 15.51 3.58
CA LYS C 17 -2.37 15.83 5.03
C LYS C 17 -2.75 17.29 5.42
N ALA C 18 -3.04 18.14 4.43
CA ALA C 18 -3.18 19.59 4.65
C ALA C 18 -4.04 20.28 3.60
N HIS C 19 -4.37 21.54 3.89
CA HIS C 19 -5.15 22.38 3.00
C HIS C 19 -4.62 23.80 3.01
N VAL C 20 -4.97 24.54 1.95
CA VAL C 20 -4.57 25.93 1.83
C VAL C 20 -5.35 26.74 2.86
N TYR C 21 -4.65 27.56 3.64
CA TYR C 21 -5.30 28.34 4.67
C TYR C 21 -6.14 29.47 4.07
N CYS C 22 -7.36 29.59 4.58
CA CYS C 22 -8.33 30.61 4.24
C CYS C 22 -8.86 31.20 5.52
N GLU C 23 -9.41 32.40 5.37
CA GLU C 23 -10.10 33.08 6.43
C GLU C 23 -10.88 34.22 5.76
N GLY C 24 -12.20 34.02 5.70
CA GLY C 24 -13.06 34.94 4.98
C GLY C 24 -12.69 34.93 3.51
N ASN C 25 -12.44 36.13 2.97
CA ASN C 25 -12.02 36.27 1.57
C ASN C 25 -10.52 36.18 1.38
N ASP C 26 -9.73 36.23 2.46
CA ASP C 26 -8.31 35.89 2.34
C ASP C 26 -8.08 34.40 2.11
N VAL C 27 -7.33 34.08 1.05
CA VAL C 27 -6.94 32.73 0.70
C VAL C 27 -5.46 32.75 0.31
N TYR C 28 -4.61 32.08 1.11
CA TYR C 28 -3.14 32.19 0.99
C TYR C 28 -2.60 31.20 -0.01
N ASP C 29 -2.86 31.51 -1.29
CA ASP C 29 -2.33 30.79 -2.42
C ASP C 29 -2.21 31.79 -3.55
N VAL C 30 -1.02 31.88 -4.14
CA VAL C 30 -0.80 32.80 -5.22
C VAL C 30 0.21 32.24 -6.21
N MET C 31 0.04 32.61 -7.48
CA MET C 31 0.92 32.20 -8.56
C MET C 31 1.40 33.45 -9.26
N LEU C 32 2.71 33.56 -9.39
CA LEU C 32 3.33 34.72 -10.00
C LEU C 32 4.02 34.28 -11.26
N ASN C 33 4.07 35.20 -12.21
CA ASN C 33 4.64 34.94 -13.49
C ASN C 33 5.47 36.13 -13.90
N GLN C 34 6.62 35.88 -14.49
CA GLN C 34 7.38 36.89 -15.17
C GLN C 34 7.82 36.29 -16.49
N THR C 35 7.31 36.87 -17.57
CA THR C 35 7.70 36.56 -18.93
C THR C 35 8.28 37.79 -19.59
N ASN C 36 9.46 37.64 -20.17
CA ASN C 36 10.07 38.72 -20.94
C ASN C 36 10.93 38.03 -21.98
N LEU C 37 10.40 38.03 -23.21
CA LEU C 37 11.00 37.24 -24.27
C LEU C 37 12.32 37.84 -24.72
N GLN C 38 12.47 39.16 -24.63
CA GLN C 38 13.75 39.80 -24.97
C GLN C 38 14.95 39.27 -24.19
N PHE C 39 14.82 39.10 -22.89
CA PHE C 39 15.92 38.62 -22.04
C PHE C 39 15.81 37.15 -21.68
N ASN C 40 14.87 36.44 -22.30
CA ASN C 40 14.70 35.01 -22.08
C ASN C 40 14.26 34.68 -20.64
N ASN C 41 13.16 35.28 -20.23
CA ASN C 41 12.54 35.01 -18.93
C ASN C 41 11.18 34.36 -19.14
N ASN C 42 11.03 33.12 -18.68
CA ASN C 42 9.72 32.47 -18.68
C ASN C 42 9.58 31.66 -17.40
N LYS C 43 9.41 32.40 -16.30
CA LYS C 43 9.50 31.84 -14.96
C LYS C 43 8.26 32.10 -14.12
N TYR C 44 7.94 31.12 -13.25
CA TYR C 44 6.92 31.25 -12.23
C TYR C 44 7.51 31.35 -10.83
N TYR C 45 6.63 31.77 -9.91
CA TYR C 45 6.88 31.74 -8.49
C TYR C 45 5.55 31.54 -7.76
N LEU C 46 5.45 30.42 -7.07
CA LEU C 46 4.24 29.97 -6.43
C LEU C 46 4.44 30.06 -4.92
N ILE C 47 3.43 30.56 -4.20
CA ILE C 47 3.49 30.64 -2.75
C ILE C 47 2.17 30.17 -2.12
N GLN C 48 2.26 29.34 -1.07
CA GLN C 48 1.08 28.84 -0.34
C GLN C 48 1.30 28.80 1.16
N LEU C 49 0.27 29.13 1.92
CA LEU C 49 0.31 29.00 3.38
C LEU C 49 -0.58 27.83 3.72
N LEU C 50 -0.02 26.85 4.43
CA LEU C 50 -0.67 25.57 4.60
C LEU C 50 -0.94 25.21 6.03
N GLU C 51 -2.23 24.99 6.34
CA GLU C 51 -2.68 24.41 7.61
C GLU C 51 -2.84 22.90 7.41
N ASP C 52 -2.35 22.13 8.38
CA ASP C 52 -2.53 20.67 8.38
C ASP C 52 -3.97 20.34 8.71
N ASP C 53 -4.46 19.22 8.19
CA ASP C 53 -5.77 18.68 8.58
C ASP C 53 -5.61 18.07 9.99
N ALA C 54 -4.47 17.43 10.23
CA ALA C 54 -4.10 16.80 11.52
C ALA C 54 -4.28 17.69 12.77
N GLN C 55 -3.67 18.87 12.80
CA GLN C 55 -3.77 19.78 13.95
C GLN C 55 -3.81 21.24 13.44
N ARG C 56 -3.78 22.20 14.38
CA ARG C 56 -3.54 23.60 14.01
C ARG C 56 -2.02 23.81 13.97
N ASN C 57 -1.44 23.39 12.84
CA ASN C 57 -0.01 23.42 12.58
C ASN C 57 0.25 23.99 11.17
N PHE C 58 1.21 24.91 11.06
CA PHE C 58 1.36 25.74 9.87
C PHE C 58 2.70 25.62 9.17
N SER C 59 2.68 26.06 7.92
CA SER C 59 3.84 26.01 7.06
C SER C 59 3.60 26.85 5.81
N VAL C 60 4.69 27.44 5.29
CA VAL C 60 4.67 28.15 4.03
C VAL C 60 5.46 27.39 2.98
N TRP C 61 4.88 27.29 1.79
CA TRP C 61 5.40 26.52 0.69
C TRP C 61 5.65 27.47 -0.45
N MET C 62 6.85 27.39 -1.01
CA MET C 62 7.27 28.25 -2.09
C MET C 62 7.90 27.35 -3.14
N ARG C 63 7.53 27.54 -4.39
CA ARG C 63 8.16 26.80 -5.47
C ARG C 63 8.28 27.72 -6.66
N TRP C 64 9.37 27.57 -7.41
CA TRP C 64 9.75 28.55 -8.44
C TRP C 64 10.63 27.89 -9.50
N GLY C 65 10.63 28.48 -10.69
CA GLY C 65 11.42 27.95 -11.79
C GLY C 65 10.87 28.33 -13.14
N ARG C 66 11.43 27.71 -14.17
CA ARG C 66 11.00 27.89 -15.56
C ARG C 66 9.68 27.19 -15.81
N VAL C 67 8.75 27.86 -16.51
CA VAL C 67 7.45 27.23 -16.80
C VAL C 67 7.73 25.90 -17.46
N GLY C 68 6.96 24.88 -17.12
CA GLY C 68 7.25 23.52 -17.58
C GLY C 68 7.95 22.78 -16.49
N LYS C 69 9.22 23.07 -16.27
CA LYS C 69 9.98 22.32 -15.27
C LYS C 69 9.43 22.53 -13.87
N MET C 70 9.71 21.54 -13.02
CA MET C 70 9.17 21.49 -11.67
C MET C 70 10.00 22.30 -10.67
N GLY C 71 11.15 22.82 -11.10
CA GLY C 71 11.91 23.82 -10.35
C GLY C 71 12.39 23.36 -8.99
N GLN C 72 12.70 24.33 -8.15
CA GLN C 72 13.13 24.10 -6.77
C GLN C 72 12.12 24.74 -5.83
N HIS C 73 12.20 24.39 -4.56
CA HIS C 73 11.18 24.76 -3.59
C HIS C 73 11.77 25.00 -2.21
N SER C 74 10.94 25.55 -1.33
CA SER C 74 11.27 25.73 0.08
C SER C 74 10.01 25.53 0.90
N LEU C 75 10.08 24.62 1.86
CA LEU C 75 9.02 24.48 2.84
C LEU C 75 9.56 25.07 4.14
N VAL C 76 8.82 26.00 4.72
CA VAL C 76 9.15 26.64 5.97
C VAL C 76 8.05 26.33 6.97
N ALA C 77 8.40 25.70 8.08
CA ALA C 77 7.43 25.30 9.09
C ALA C 77 7.37 26.37 10.19
N CYS C 78 6.17 26.57 10.74
CA CYS C 78 5.90 27.65 11.69
C CYS C 78 5.16 27.18 12.96
N SER C 79 5.18 25.86 13.21
CA SER C 79 4.40 25.22 14.28
C SER C 79 2.98 25.81 14.39
N GLY C 80 2.57 26.30 15.56
CA GLY C 80 1.27 26.95 15.72
C GLY C 80 1.28 28.45 15.53
N ASN C 81 2.35 29.01 14.94
CA ASN C 81 2.47 30.46 14.83
C ASN C 81 1.95 31.01 13.50
N LEU C 82 0.63 31.07 13.39
CA LEU C 82 -0.01 31.61 12.21
C LEU C 82 0.54 32.99 11.82
N ASN C 83 0.82 33.84 12.80
CA ASN C 83 1.29 35.19 12.47
C ASN C 83 2.60 35.16 11.70
N LYS C 84 3.52 34.28 12.10
CA LYS C 84 4.82 34.13 11.43
C LYS C 84 4.64 33.74 9.96
N ALA C 85 3.86 32.69 9.73
CA ALA C 85 3.62 32.20 8.38
C ALA C 85 3.06 33.30 7.48
N LYS C 86 2.07 34.01 7.99
CA LYS C 86 1.50 35.16 7.29
C LYS C 86 2.55 36.21 6.94
N GLU C 87 3.47 36.50 7.86
CA GLU C 87 4.54 37.47 7.57
C GLU C 87 5.42 36.97 6.44
N ILE C 88 5.95 35.76 6.61
CA ILE C 88 6.83 35.14 5.62
C ILE C 88 6.19 35.19 4.22
N PHE C 89 4.92 34.81 4.17
CA PHE C 89 4.12 34.80 2.95
C PHE C 89 4.00 36.19 2.34
N GLN C 90 3.51 37.10 3.15
CA GLN C 90 3.25 38.46 2.71
C GLN C 90 4.55 39.13 2.26
N LYS C 91 5.60 38.93 3.05
CA LYS C 91 6.90 39.50 2.75
C LYS C 91 7.42 38.96 1.42
N LYS C 92 7.32 37.66 1.19
CA LYS C 92 7.80 37.09 -0.06
C LYS C 92 7.06 37.68 -1.22
N PHE C 93 5.73 37.69 -1.13
CA PHE C 93 4.91 38.28 -2.19
C PHE C 93 5.41 39.68 -2.52
N LEU C 94 5.59 40.48 -1.48
CA LEU C 94 6.14 41.81 -1.63
C LEU C 94 7.49 41.88 -2.37
N ASP C 95 8.43 41.03 -1.99
CA ASP C 95 9.76 41.05 -2.64
C ASP C 95 9.65 40.80 -4.13
N LYS C 96 8.72 39.95 -4.53
CA LYS C 96 8.65 39.51 -5.90
C LYS C 96 7.72 40.32 -6.78
N THR C 97 6.75 41.02 -6.17
CA THR C 97 5.79 41.82 -6.95
C THR C 97 5.94 43.31 -6.77
N LYS C 98 6.56 43.70 -5.66
CA LYS C 98 6.55 45.07 -5.17
C LYS C 98 5.14 45.63 -4.95
N ASN C 99 4.15 44.76 -4.73
CA ASN C 99 2.83 45.15 -4.25
C ASN C 99 2.66 44.50 -2.90
N ASN C 100 1.84 45.10 -2.03
CA ASN C 100 1.45 44.44 -0.78
C ASN C 100 0.38 43.39 -1.01
N TRP C 101 0.40 42.34 -0.19
CA TRP C 101 -0.66 41.34 -0.22
C TRP C 101 -2.00 42.01 0.03
N GLU C 102 -2.08 42.89 1.02
CA GLU C 102 -3.37 43.54 1.34
C GLU C 102 -4.00 44.36 0.23
N ASP C 103 -3.19 44.90 -0.68
CA ASP C 103 -3.66 45.77 -1.77
C ASP C 103 -3.76 45.02 -3.10
N ARG C 104 -3.98 43.70 -3.08
CA ARG C 104 -4.00 42.92 -4.33
C ARG C 104 -5.21 43.08 -5.22
N GLU C 105 -6.34 43.57 -4.72
CA GLU C 105 -7.50 43.82 -5.59
C GLU C 105 -7.14 44.88 -6.62
N LYS C 106 -6.31 45.84 -6.23
CA LYS C 106 -5.83 46.91 -7.10
C LYS C 106 -4.38 46.64 -7.50
N PHE C 107 -4.10 45.41 -7.95
CA PHE C 107 -2.72 45.00 -8.29
C PHE C 107 -2.23 45.75 -9.52
N GLU C 108 -0.98 46.22 -9.46
CA GLU C 108 -0.32 46.84 -10.60
C GLU C 108 1.11 46.34 -10.72
N LYS C 109 1.31 45.44 -11.69
CA LYS C 109 2.63 44.94 -12.11
C LYS C 109 3.62 46.08 -12.19
N VAL C 110 4.87 45.81 -11.84
CA VAL C 110 5.94 46.82 -11.93
C VAL C 110 7.02 46.34 -12.92
N PRO C 111 7.65 47.26 -13.69
CA PRO C 111 8.73 46.80 -14.58
C PRO C 111 9.88 46.13 -13.80
N GLY C 112 10.36 45.00 -14.32
CA GLY C 112 11.45 44.25 -13.69
C GLY C 112 11.03 43.18 -12.71
N LYS C 113 9.75 43.18 -12.30
CA LYS C 113 9.23 42.25 -11.28
C LYS C 113 8.12 41.35 -11.83
N TYR C 114 7.70 40.40 -11.00
CA TYR C 114 6.69 39.42 -11.36
C TYR C 114 5.30 40.07 -11.38
N ASP C 115 4.45 39.44 -12.18
CA ASP C 115 3.03 39.75 -12.33
C ASP C 115 2.28 38.62 -11.62
N MET C 116 1.01 38.86 -11.31
CA MET C 116 0.18 37.93 -10.56
C MET C 116 -0.97 37.42 -11.45
N LEU C 117 -1.25 36.14 -11.38
CA LEU C 117 -2.50 35.57 -11.91
C LEU C 117 -3.54 35.43 -10.84
N GLN C 118 -4.80 35.78 -11.12
CA GLN C 118 -5.92 35.51 -10.22
C GLN C 118 -6.37 34.04 -10.23
N MET C 119 -6.86 33.59 -9.07
CA MET C 119 -7.27 32.21 -8.83
C MET C 119 -8.79 32.03 -8.94
N ALA D 5 17.51 9.17 23.21
CA ALA D 5 16.51 8.81 24.25
C ALA D 5 17.16 8.29 25.59
N PRO D 6 16.80 8.90 26.74
CA PRO D 6 17.55 8.64 27.99
C PRO D 6 17.18 7.38 28.78
N VAL D 7 18.10 6.90 29.61
CA VAL D 7 17.78 5.86 30.60
C VAL D 7 16.78 6.45 31.56
N ASP D 8 15.76 5.67 31.90
CA ASP D 8 14.69 6.21 32.71
C ASP D 8 15.17 6.44 34.14
N PRO D 9 15.08 7.70 34.62
CA PRO D 9 15.65 8.13 35.91
C PRO D 9 15.37 7.21 37.08
N GLU D 10 14.16 6.65 37.12
CA GLU D 10 13.79 5.74 38.19
C GLU D 10 14.61 4.46 38.22
N CYS D 11 15.26 4.11 37.09
CA CYS D 11 16.16 2.96 37.07
C CYS D 11 17.48 3.34 37.74
N THR D 12 17.44 3.35 39.08
CA THR D 12 18.57 3.79 39.88
C THR D 12 19.79 2.92 39.63
N ALA D 13 19.57 1.60 39.57
CA ALA D 13 20.68 0.65 39.42
C ALA D 13 21.51 0.85 38.14
N LYS D 14 20.93 1.45 37.09
CA LYS D 14 21.61 1.56 35.78
C LYS D 14 21.78 2.99 35.20
N VAL D 15 21.05 4.00 35.71
CA VAL D 15 21.27 5.37 35.24
C VAL D 15 22.67 5.81 35.66
N GLY D 16 23.42 6.39 34.73
CA GLY D 16 24.85 6.64 34.89
C GLY D 16 25.69 5.57 34.21
N LYS D 17 25.46 4.29 34.57
CA LYS D 17 26.24 3.16 34.03
C LYS D 17 25.84 2.59 32.65
N ALA D 18 24.80 3.15 32.02
CA ALA D 18 24.19 2.51 30.84
C ALA D 18 23.46 3.47 29.90
N HIS D 19 23.10 2.95 28.74
CA HIS D 19 22.36 3.68 27.72
C HIS D 19 21.32 2.78 27.04
N VAL D 20 20.35 3.43 26.40
CA VAL D 20 19.30 2.72 25.68
C VAL D 20 19.91 2.08 24.44
N TYR D 21 19.65 0.79 24.23
CA TYR D 21 20.23 0.10 23.08
C TYR D 21 19.58 0.53 21.77
N CYS D 22 20.42 0.78 20.77
CA CYS D 22 19.99 1.07 19.39
C CYS D 22 20.72 0.18 18.42
N GLU D 23 20.18 0.08 17.22
CA GLU D 23 20.64 -0.86 16.21
C GLU D 23 19.93 -0.50 14.91
N GLY D 24 20.63 0.18 14.02
CA GLY D 24 20.00 0.69 12.80
C GLY D 24 18.91 1.69 13.16
N ASN D 25 17.70 1.44 12.67
CA ASN D 25 16.53 2.27 12.95
C ASN D 25 15.82 1.89 14.27
N ASP D 26 16.09 0.67 14.73
CA ASP D 26 15.52 0.19 15.98
C ASP D 26 16.19 0.88 17.19
N VAL D 27 15.34 1.43 18.06
CA VAL D 27 15.73 2.01 19.33
C VAL D 27 14.79 1.46 20.42
N TYR D 28 15.35 0.69 21.36
CA TYR D 28 14.53 -0.07 22.32
C TYR D 28 14.16 0.74 23.55
N ASP D 29 13.24 1.66 23.31
CA ASP D 29 12.66 2.50 24.34
C ASP D 29 11.27 2.87 23.85
N VAL D 30 10.28 2.58 24.67
CA VAL D 30 8.91 2.84 24.26
C VAL D 30 8.07 3.19 25.47
N MET D 31 7.08 4.04 25.24
CA MET D 31 6.14 4.48 26.26
C MET D 31 4.74 4.17 25.78
N LEU D 32 3.99 3.47 26.61
CA LEU D 32 2.64 3.09 26.28
C LEU D 32 1.70 3.78 27.22
N ASN D 33 0.53 4.08 26.70
CA ASN D 33 -0.48 4.77 27.43
C ASN D 33 -1.80 4.10 27.17
N GLN D 34 -2.62 3.98 28.21
CA GLN D 34 -4.01 3.62 28.06
C GLN D 34 -4.77 4.58 28.95
N THR D 35 -5.59 5.42 28.29
CA THR D 35 -6.52 6.30 28.94
C THR D 35 -7.93 5.93 28.51
N ASN D 36 -8.78 5.75 29.49
CA ASN D 36 -10.18 5.48 29.24
C ASN D 36 -10.94 6.03 30.42
N LEU D 37 -11.55 7.19 30.19
CA LEU D 37 -12.13 7.97 31.27
C LEU D 37 -13.37 7.28 31.81
N GLN D 38 -14.11 6.55 30.95
CA GLN D 38 -15.30 5.84 31.43
C GLN D 38 -15.01 4.83 32.57
N PHE D 39 -13.94 4.03 32.42
CA PHE D 39 -13.60 3.01 33.41
C PHE D 39 -12.48 3.41 34.36
N ASN D 40 -12.09 4.68 34.31
CA ASN D 40 -11.07 5.23 35.21
C ASN D 40 -9.69 4.58 34.96
N ASN D 41 -9.22 4.68 33.74
CA ASN D 41 -7.89 4.21 33.36
C ASN D 41 -7.05 5.42 32.94
N ASN D 42 -5.97 5.66 33.69
CA ASN D 42 -4.97 6.66 33.27
C ASN D 42 -3.62 6.09 33.63
N LYS D 43 -3.21 5.09 32.85
CA LYS D 43 -2.03 4.30 33.14
C LYS D 43 -1.01 4.29 32.00
N TYR D 44 0.27 4.27 32.39
CA TYR D 44 1.37 4.08 31.49
C TYR D 44 2.01 2.69 31.65
N TYR D 45 2.81 2.37 30.64
CA TYR D 45 3.69 1.23 30.66
C TYR D 45 4.92 1.53 29.81
N LEU D 46 6.06 1.57 30.47
CA LEU D 46 7.29 1.98 29.88
C LEU D 46 8.20 0.75 29.76
N ILE D 47 8.84 0.58 28.61
CA ILE D 47 9.82 -0.47 28.47
C ILE D 47 11.10 -0.03 27.79
N GLN D 48 12.25 -0.47 28.33
CA GLN D 48 13.58 -0.11 27.79
C GLN D 48 14.53 -1.29 27.78
N LEU D 49 15.33 -1.41 26.73
CA LEU D 49 16.37 -2.41 26.66
C LEU D 49 17.68 -1.68 26.83
N LEU D 50 18.47 -2.08 27.82
CA LEU D 50 19.61 -1.29 28.27
C LEU D 50 20.93 -2.03 28.15
N GLU D 51 21.85 -1.43 27.39
CA GLU D 51 23.25 -1.84 27.32
C GLU D 51 24.06 -1.00 28.30
N ASP D 52 24.95 -1.63 29.05
CA ASP D 52 25.87 -0.94 29.95
C ASP D 52 26.93 -0.21 29.14
N ASP D 53 27.41 0.90 29.68
CA ASP D 53 28.55 1.60 29.10
C ASP D 53 29.83 0.79 29.39
N ALA D 54 29.88 0.19 30.59
CA ALA D 54 31.03 -0.60 31.05
C ALA D 54 31.49 -1.74 30.10
N GLN D 55 30.58 -2.65 29.73
CA GLN D 55 30.88 -3.72 28.77
C GLN D 55 29.63 -4.03 27.93
N ARG D 56 29.66 -5.10 27.13
CA ARG D 56 28.48 -5.56 26.41
C ARG D 56 27.67 -6.48 27.33
N ASN D 57 26.90 -5.83 28.22
CA ASN D 57 26.03 -6.48 29.20
C ASN D 57 24.61 -5.86 29.17
N PHE D 58 23.58 -6.70 29.19
CA PHE D 58 22.21 -6.29 28.87
C PHE D 58 21.20 -6.47 29.97
N SER D 59 20.09 -5.76 29.82
CA SER D 59 19.00 -5.79 30.75
C SER D 59 17.76 -5.10 30.17
N VAL D 60 16.58 -5.59 30.56
CA VAL D 60 15.32 -4.98 30.19
C VAL D 60 14.65 -4.37 31.42
N TRP D 61 14.16 -3.15 31.23
CA TRP D 61 13.60 -2.34 32.30
C TRP D 61 12.18 -2.03 31.94
N MET D 62 11.29 -2.29 32.88
CA MET D 62 9.86 -2.14 32.68
C MET D 62 9.36 -1.36 33.88
N ARG D 63 8.55 -0.34 33.64
CA ARG D 63 7.94 0.39 34.74
C ARG D 63 6.54 0.81 34.30
N TRP D 64 5.61 0.77 35.24
CA TRP D 64 4.18 0.89 34.92
C TRP D 64 3.40 1.41 36.10
N GLY D 65 2.25 2.02 35.83
CA GLY D 65 1.43 2.58 36.89
C GLY D 65 0.53 3.70 36.41
N ARG D 66 -0.07 4.38 37.38
CA ARG D 66 -0.93 5.54 37.14
C ARG D 66 -0.09 6.76 36.77
N VAL D 67 -0.52 7.50 35.74
CA VAL D 67 0.21 8.68 35.30
C VAL D 67 0.40 9.57 36.53
N GLY D 68 1.58 10.16 36.66
CA GLY D 68 1.92 10.91 37.85
C GLY D 68 2.78 10.03 38.71
N LYS D 69 2.15 9.08 39.43
CA LYS D 69 2.91 8.28 40.37
C LYS D 69 3.99 7.43 39.68
N MET D 70 5.00 7.08 40.47
CA MET D 70 6.19 6.39 39.98
C MET D 70 6.01 4.88 39.85
N GLY D 71 4.90 4.36 40.34
CA GLY D 71 4.47 2.98 40.05
C GLY D 71 5.42 1.90 40.54
N GLN D 72 5.31 0.72 39.95
CA GLN D 72 6.21 -0.40 40.23
C GLN D 72 6.98 -0.75 38.97
N HIS D 73 8.02 -1.56 39.13
CA HIS D 73 8.96 -1.83 38.05
C HIS D 73 9.50 -3.25 38.10
N SER D 74 10.19 -3.63 37.04
CA SER D 74 10.90 -4.91 36.96
C SER D 74 12.16 -4.72 36.12
N LEU D 75 13.29 -5.09 36.70
CA LEU D 75 14.53 -5.13 35.97
C LEU D 75 14.84 -6.60 35.74
N VAL D 76 15.08 -6.95 34.49
CA VAL D 76 15.44 -8.30 34.09
C VAL D 76 16.81 -8.24 33.44
N ALA D 77 17.76 -8.98 33.97
CA ALA D 77 19.15 -8.97 33.46
C ALA D 77 19.33 -10.15 32.51
N CYS D 78 20.14 -9.94 31.47
CA CYS D 78 20.31 -10.91 30.39
C CYS D 78 21.78 -11.22 30.04
N SER D 79 22.70 -10.88 30.97
CA SER D 79 24.16 -10.96 30.74
C SER D 79 24.54 -10.45 29.34
N GLY D 80 25.24 -11.24 28.52
CA GLY D 80 25.56 -10.86 27.14
C GLY D 80 24.57 -11.38 26.11
N ASN D 81 23.37 -11.78 26.53
CA ASN D 81 22.42 -12.39 25.61
C ASN D 81 21.42 -11.37 25.04
N LEU D 82 21.91 -10.58 24.08
CA LEU D 82 21.08 -9.61 23.42
C LEU D 82 19.78 -10.22 22.87
N ASN D 83 19.86 -11.43 22.32
CA ASN D 83 18.66 -12.03 21.73
C ASN D 83 17.54 -12.21 22.78
N LYS D 84 17.90 -12.63 23.98
CA LYS D 84 16.93 -12.83 25.06
C LYS D 84 16.22 -11.53 25.40
N ALA D 85 17.00 -10.48 25.65
CA ALA D 85 16.45 -9.19 26.01
C ALA D 85 15.46 -8.69 24.96
N LYS D 86 15.86 -8.79 23.69
CA LYS D 86 15.00 -8.44 22.58
C LYS D 86 13.69 -9.22 22.57
N GLU D 87 13.74 -10.52 22.88
CA GLU D 87 12.52 -11.32 22.96
C GLU D 87 11.60 -10.80 24.06
N ILE D 88 12.15 -10.72 25.26
CA ILE D 88 11.39 -10.26 26.43
C ILE D 88 10.69 -8.93 26.15
N PHE D 89 11.46 -8.01 25.58
CA PHE D 89 11.01 -6.67 25.19
C PHE D 89 9.87 -6.73 24.18
N GLN D 90 10.14 -7.41 23.08
CA GLN D 90 9.20 -7.49 21.98
C GLN D 90 7.92 -8.20 22.43
N LYS D 91 8.08 -9.26 23.19
CA LYS D 91 6.95 -10.03 23.69
C LYS D 91 6.07 -9.15 24.57
N LYS D 92 6.70 -8.40 25.49
CA LYS D 92 5.91 -7.55 26.38
C LYS D 92 5.14 -6.54 25.58
N PHE D 93 5.83 -5.85 24.67
CA PHE D 93 5.15 -4.86 23.82
C PHE D 93 3.92 -5.48 23.17
N LEU D 94 4.10 -6.65 22.57
CA LEU D 94 3.00 -7.38 21.99
C LEU D 94 1.82 -7.65 22.94
N ASP D 95 2.10 -8.12 24.16
CA ASP D 95 1.02 -8.42 25.10
C ASP D 95 0.19 -7.18 25.42
N LYS D 96 0.84 -6.02 25.46
CA LYS D 96 0.18 -4.81 25.90
C LYS D 96 -0.42 -3.98 24.79
N THR D 97 0.06 -4.14 23.56
CA THR D 97 -0.46 -3.36 22.43
C THR D 97 -1.26 -4.17 21.43
N LYS D 98 -1.01 -5.48 21.42
CA LYS D 98 -1.45 -6.37 20.36
C LYS D 98 -0.98 -5.94 18.97
N ASN D 99 0.13 -5.19 18.90
CA ASN D 99 0.86 -4.94 17.66
C ASN D 99 2.22 -5.58 17.85
N ASN D 100 2.86 -5.95 16.74
CA ASN D 100 4.25 -6.44 16.79
C ASN D 100 5.20 -5.23 16.85
N TRP D 101 6.34 -5.42 17.52
CA TRP D 101 7.39 -4.40 17.53
C TRP D 101 7.79 -4.06 16.08
N GLU D 102 8.00 -5.09 15.28
CA GLU D 102 8.39 -4.93 13.88
C GLU D 102 7.49 -4.01 13.02
N ASP D 103 6.20 -4.02 13.30
CA ASP D 103 5.19 -3.29 12.51
C ASP D 103 4.78 -1.96 13.15
N ARG D 104 5.65 -1.36 13.97
CA ARG D 104 5.25 -0.13 14.69
C ARG D 104 5.13 1.15 13.89
N GLU D 105 5.76 1.26 12.72
CA GLU D 105 5.59 2.50 11.91
C GLU D 105 4.13 2.61 11.47
N LYS D 106 3.50 1.47 11.23
CA LYS D 106 2.07 1.41 10.88
C LYS D 106 1.22 0.96 12.08
N PHE D 107 1.47 1.58 13.24
CA PHE D 107 0.82 1.17 14.50
C PHE D 107 -0.67 1.47 14.45
N GLU D 108 -1.47 0.53 14.92
CA GLU D 108 -2.91 0.75 15.07
C GLU D 108 -3.41 0.23 16.41
N LYS D 109 -3.64 1.17 17.33
CA LYS D 109 -4.29 0.94 18.63
C LYS D 109 -5.48 0.02 18.46
N VAL D 110 -5.70 -0.83 19.45
CA VAL D 110 -6.82 -1.77 19.45
C VAL D 110 -7.68 -1.50 20.71
N PRO D 111 -9.03 -1.67 20.60
CA PRO D 111 -9.83 -1.49 21.81
C PRO D 111 -9.45 -2.46 22.93
N GLY D 112 -9.36 -1.93 24.16
CA GLY D 112 -9.03 -2.72 25.35
C GLY D 112 -7.56 -2.74 25.69
N LYS D 113 -6.69 -2.30 24.76
CA LYS D 113 -5.24 -2.35 24.94
C LYS D 113 -4.59 -0.96 24.93
N TYR D 114 -3.29 -0.95 25.24
CA TYR D 114 -2.52 0.27 25.30
C TYR D 114 -2.24 0.81 23.90
N ASP D 115 -2.02 2.12 23.87
CA ASP D 115 -1.63 2.90 22.72
C ASP D 115 -0.17 3.26 22.93
N MET D 116 0.52 3.63 21.86
CA MET D 116 1.93 3.98 21.88
C MET D 116 2.11 5.47 21.64
N LEU D 117 2.83 6.16 22.52
CA LEU D 117 3.08 7.59 22.35
C LEU D 117 4.40 7.72 21.58
N GLN D 118 4.33 8.42 20.45
CA GLN D 118 5.30 8.43 19.33
C GLN D 118 6.81 8.34 19.69
#